data_5M58
#
_entry.id   5M58
#
_cell.length_a   33.070
_cell.length_b   82.950
_cell.length_c   76.880
_cell.angle_alpha   90.00
_cell.angle_beta   96.91
_cell.angle_gamma   90.00
#
_symmetry.space_group_name_H-M   'P 1 21 1'
#
loop_
_entity.id
_entity.type
_entity.pdbx_description
1 polymer 'C-methyltransferase CouO'
2 non-polymer S-ADENOSYL-L-HOMOCYSTEINE
3 water water
#
_entity_poly.entity_id   1
_entity_poly.type   'polypeptide(L)'
_entity_poly.pdbx_seq_one_letter_code
;MKIEPITGSEAEAFHRMGSRAFERYNEFVDLLVGAGIADGQTVVDLCCGSGELEIILTSRFPSLNLVGVDLSEDMVRIAR
DYAAEQGKELEFRHGDAQSPAGMEDLLGKADLVVSRHAFHRLTRLPAGFDTMLRLVKPGGAILNVSFLHLSDFDEPGFRT
WVRFLKERPWDAEMQVAWALAHYYAPRLQDYRDALAQAADETPVSEQRIWVDDQGYGVATVKCFARRAAA
;
_entity_poly.pdbx_strand_id   A,B
#
loop_
_chem_comp.id
_chem_comp.type
_chem_comp.name
_chem_comp.formula
SAH non-polymer S-ADENOSYL-L-HOMOCYSTEINE 'C14 H20 N6 O5 S'
#
# COMPACT_ATOMS: atom_id res chain seq x y z
N MET A 1 5.45 9.13 18.10
CA MET A 1 4.85 8.79 16.77
C MET A 1 3.75 9.78 16.36
N LYS A 2 3.51 9.88 15.05
CA LYS A 2 2.52 10.84 14.54
C LYS A 2 1.09 10.50 14.95
N ILE A 3 0.31 11.53 15.22
CA ILE A 3 -1.11 11.37 15.60
C ILE A 3 -2.09 11.79 14.50
N GLU A 4 -3.15 11.00 14.33
CA GLU A 4 -4.19 11.27 13.34
C GLU A 4 -5.20 12.34 13.87
N PRO A 5 -6.08 12.01 14.85
CA PRO A 5 -7.16 12.96 15.17
C PRO A 5 -6.72 14.21 15.91
N ILE A 6 -7.58 15.23 15.91
CA ILE A 6 -7.45 16.39 16.79
C ILE A 6 -8.70 16.45 17.67
N THR A 7 -8.49 16.38 18.98
CA THR A 7 -9.55 16.05 19.95
C THR A 7 -9.74 17.11 21.05
N GLY A 8 -10.85 17.01 21.77
CA GLY A 8 -11.08 17.75 23.03
C GLY A 8 -10.96 19.26 22.98
N SER A 9 -10.14 19.84 23.86
CA SER A 9 -9.97 21.30 23.95
C SER A 9 -9.07 21.84 22.85
N GLU A 10 -8.10 21.02 22.41
CA GLU A 10 -7.30 21.32 21.20
C GLU A 10 -8.19 21.49 19.96
N ALA A 11 -9.23 20.65 19.83
CA ALA A 11 -10.21 20.80 18.76
C ALA A 11 -11.12 22.05 18.96
N GLU A 12 -11.54 22.29 20.21
CA GLU A 12 -12.25 23.53 20.56
C GLU A 12 -11.38 24.73 20.15
N ALA A 13 -10.09 24.65 20.46
CA ALA A 13 -9.13 25.71 20.16
C ALA A 13 -8.91 25.83 18.66
N PHE A 14 -8.74 24.69 18.00
CA PHE A 14 -8.67 24.67 16.54
C PHE A 14 -9.88 25.44 15.97
N HIS A 15 -11.06 25.10 16.48
CA HIS A 15 -12.30 25.71 16.03
C HIS A 15 -12.33 27.23 16.33
N ARG A 16 -12.00 27.61 17.56
CA ARG A 16 -11.87 29.04 17.94
C ARG A 16 -11.00 29.83 16.97
N MET A 17 -9.88 29.24 16.55
CA MET A 17 -8.93 29.90 15.64
C MET A 17 -9.49 29.97 14.22
N GLY A 18 -9.90 28.81 13.69
CA GLY A 18 -10.47 28.72 12.33
C GLY A 18 -11.67 29.61 12.09
N SER A 19 -12.58 29.66 13.08
CA SER A 19 -13.82 30.48 13.06
C SER A 19 -13.64 31.94 12.63
N ARG A 20 -12.51 32.52 13.01
CA ARG A 20 -12.26 33.95 12.82
C ARG A 20 -11.22 34.18 11.71
N ALA A 21 -10.97 33.15 10.89
CA ALA A 21 -9.97 33.20 9.84
C ALA A 21 -10.46 32.47 8.59
N PHE A 22 -11.67 32.81 8.15
CA PHE A 22 -12.23 32.26 6.91
C PHE A 22 -11.32 32.48 5.71
N GLU A 23 -10.64 33.62 5.69
CA GLU A 23 -9.76 33.96 4.58
C GLU A 23 -8.76 32.85 4.24
N ARG A 24 -8.35 32.09 5.25
CA ARG A 24 -7.38 31.01 5.08
C ARG A 24 -7.89 29.84 4.26
N TYR A 25 -9.21 29.74 4.10
CA TYR A 25 -9.83 28.73 3.24
C TYR A 25 -9.95 29.20 1.77
N ASN A 26 -9.76 30.50 1.48
CA ASN A 26 -10.00 31.03 0.12
C ASN A 26 -9.20 30.27 -0.92
N GLU A 27 -7.93 29.98 -0.63
CA GLU A 27 -7.13 29.16 -1.54
C GLU A 27 -7.80 27.80 -1.88
N PHE A 28 -8.34 27.12 -0.87
CA PHE A 28 -8.96 25.80 -1.09
C PHE A 28 -10.25 25.93 -1.90
N VAL A 29 -11.07 26.89 -1.49
CA VAL A 29 -12.34 27.19 -2.18
C VAL A 29 -12.08 27.52 -3.64
N ASP A 30 -11.03 28.28 -3.88
CA ASP A 30 -10.64 28.63 -5.25
C ASP A 30 -10.28 27.43 -6.11
N LEU A 31 -9.57 26.46 -5.53
CA LEU A 31 -9.26 25.17 -6.17
C LEU A 31 -10.49 24.28 -6.51
N LEU A 32 -11.45 24.24 -5.59
CA LEU A 32 -12.72 23.54 -5.84
C LEU A 32 -13.46 24.13 -7.09
N VAL A 33 -13.41 25.46 -7.22
CA VAL A 33 -14.01 26.15 -8.35
C VAL A 33 -13.31 25.70 -9.64
N GLY A 34 -11.99 25.69 -9.59
CA GLY A 34 -11.20 25.18 -10.68
C GLY A 34 -11.44 23.71 -10.94
N ALA A 35 -11.74 22.93 -9.89
CA ALA A 35 -12.06 21.50 -10.05
C ALA A 35 -13.44 21.19 -10.64
N GLY A 36 -14.29 22.22 -10.75
CA GLY A 36 -15.62 22.11 -11.33
C GLY A 36 -16.78 22.10 -10.32
N ILE A 37 -16.59 22.66 -9.12
CA ILE A 37 -17.66 22.63 -8.09
C ILE A 37 -18.81 23.47 -8.63
N ALA A 38 -20.03 23.08 -8.32
CA ALA A 38 -21.22 23.76 -8.83
C ALA A 38 -22.45 23.44 -8.02
N ASP A 39 -23.38 24.40 -8.00
CA ASP A 39 -24.56 24.30 -7.12
C ASP A 39 -25.34 22.99 -7.36
N GLY A 40 -25.89 22.43 -6.29
CA GLY A 40 -26.64 21.17 -6.39
C GLY A 40 -25.84 19.87 -6.45
N GLN A 41 -24.51 19.95 -6.58
CA GLN A 41 -23.66 18.73 -6.56
C GLN A 41 -23.57 18.10 -5.17
N THR A 42 -23.20 16.82 -5.14
CA THR A 42 -22.90 16.15 -3.88
C THR A 42 -21.40 16.19 -3.67
N VAL A 43 -20.99 16.70 -2.50
CA VAL A 43 -19.60 16.95 -2.16
C VAL A 43 -19.29 16.35 -0.80
N VAL A 44 -18.29 15.46 -0.75
CA VAL A 44 -17.85 14.84 0.49
C VAL A 44 -16.56 15.50 0.90
N ASP A 45 -16.54 16.05 2.12
CA ASP A 45 -15.30 16.53 2.70
C ASP A 45 -14.73 15.55 3.73
N LEU A 46 -13.59 14.94 3.39
CA LEU A 46 -12.92 14.03 4.31
C LEU A 46 -11.98 14.78 5.25
N CYS A 47 -12.15 14.52 6.55
CA CYS A 47 -11.32 15.06 7.62
C CYS A 47 -11.73 16.50 7.78
N CYS A 48 -13.05 16.68 7.94
CA CYS A 48 -13.71 18.01 7.89
C CYS A 48 -13.44 18.95 9.07
N GLY A 49 -12.85 18.42 10.15
CA GLY A 49 -12.61 19.26 11.35
C GLY A 49 -13.89 19.84 11.92
N SER A 50 -13.83 21.12 12.31
CA SER A 50 -14.95 21.79 12.99
C SER A 50 -15.96 22.44 12.01
N GLY A 51 -15.85 22.11 10.72
CA GLY A 51 -16.92 22.43 9.77
C GLY A 51 -16.86 23.80 9.13
N GLU A 52 -15.77 24.54 9.34
CA GLU A 52 -15.58 25.86 8.69
C GLU A 52 -15.76 25.86 7.18
N LEU A 53 -15.21 24.86 6.50
CA LEU A 53 -15.33 24.76 5.04
C LEU A 53 -16.79 24.58 4.64
N GLU A 54 -17.51 23.78 5.43
CA GLU A 54 -18.90 23.48 5.16
C GLU A 54 -19.78 24.76 5.29
N ILE A 55 -19.44 25.62 6.26
CA ILE A 55 -20.14 26.87 6.49
C ILE A 55 -19.91 27.82 5.34
N ILE A 56 -18.64 27.91 4.92
CA ILE A 56 -18.26 28.76 3.81
C ILE A 56 -18.89 28.26 2.51
N LEU A 57 -18.74 26.96 2.23
CA LEU A 57 -19.32 26.41 1.01
C LEU A 57 -20.85 26.54 0.95
N THR A 58 -21.58 26.19 2.02
CA THR A 58 -23.04 26.38 2.05
C THR A 58 -23.47 27.82 1.85
N SER A 59 -22.65 28.76 2.30
CA SER A 59 -22.96 30.18 2.13
C SER A 59 -22.77 30.62 0.68
N ARG A 60 -21.65 30.21 0.10
CA ARG A 60 -21.33 30.52 -1.30
C ARG A 60 -22.18 29.74 -2.30
N PHE A 61 -22.45 28.46 -2.01
CA PHE A 61 -23.23 27.58 -2.90
C PHE A 61 -24.39 26.90 -2.14
N PRO A 62 -25.52 27.62 -1.98
CA PRO A 62 -26.58 27.23 -1.03
C PRO A 62 -27.28 25.90 -1.21
N SER A 63 -27.25 25.31 -2.39
CA SER A 63 -27.96 24.04 -2.61
C SER A 63 -27.02 22.83 -2.75
N LEU A 64 -25.72 23.02 -2.49
CA LEU A 64 -24.80 21.88 -2.45
C LEU A 64 -25.26 20.88 -1.41
N ASN A 65 -25.15 19.61 -1.74
CA ASN A 65 -25.38 18.52 -0.80
C ASN A 65 -24.02 18.12 -0.15
N LEU A 66 -23.73 18.72 1.01
CA LEU A 66 -22.42 18.61 1.69
C LEU A 66 -22.41 17.55 2.79
N VAL A 67 -21.50 16.58 2.68
CA VAL A 67 -21.23 15.64 3.75
C VAL A 67 -19.79 15.80 4.28
N GLY A 68 -19.68 16.29 5.52
CA GLY A 68 -18.40 16.29 6.24
C GLY A 68 -18.16 15.00 7.01
N VAL A 69 -16.96 14.44 6.94
CA VAL A 69 -16.59 13.24 7.70
C VAL A 69 -15.33 13.55 8.53
N ASP A 70 -15.28 13.03 9.77
CA ASP A 70 -14.07 13.18 10.60
C ASP A 70 -13.93 12.01 11.56
N LEU A 71 -12.68 11.62 11.85
CA LEU A 71 -12.39 10.53 12.78
C LEU A 71 -12.61 10.95 14.26
N SER A 72 -12.56 12.26 14.51
CA SER A 72 -12.83 12.84 15.82
C SER A 72 -14.31 13.19 16.04
N GLU A 73 -14.97 12.39 16.87
CA GLU A 73 -16.33 12.66 17.32
C GLU A 73 -16.52 14.06 17.91
N ASP A 74 -15.53 14.55 18.64
CA ASP A 74 -15.59 15.91 19.18
C ASP A 74 -15.63 16.92 18.02
N MET A 75 -14.85 16.68 16.97
CA MET A 75 -14.91 17.52 15.78
C MET A 75 -16.30 17.44 15.15
N VAL A 76 -16.82 16.22 15.04
CA VAL A 76 -18.19 16.05 14.53
C VAL A 76 -19.16 16.81 15.44
N ARG A 77 -18.99 16.67 16.75
CA ARG A 77 -19.83 17.36 17.73
C ARG A 77 -19.78 18.86 17.48
N ILE A 78 -18.57 19.41 17.46
CA ILE A 78 -18.34 20.83 17.22
C ILE A 78 -19.01 21.28 15.95
N ALA A 79 -18.79 20.52 14.86
CA ALA A 79 -19.27 20.90 13.53
C ALA A 79 -20.78 21.04 13.53
N ARG A 80 -21.45 20.06 14.11
CA ARG A 80 -22.90 20.04 14.16
C ARG A 80 -23.46 21.28 14.90
N ASP A 81 -22.91 21.58 16.07
CA ASP A 81 -23.30 22.75 16.87
C ASP A 81 -23.04 24.05 16.15
N TYR A 82 -21.88 24.13 15.50
CA TYR A 82 -21.50 25.30 14.72
C TYR A 82 -22.44 25.54 13.53
N ALA A 83 -22.87 24.47 12.86
CA ALA A 83 -23.83 24.59 11.78
C ALA A 83 -25.18 25.11 12.31
N ALA A 84 -25.67 24.50 13.39
CA ALA A 84 -26.91 24.94 14.07
C ALA A 84 -26.79 26.40 14.48
N GLU A 85 -25.74 26.73 15.22
CA GLU A 85 -25.39 28.12 15.56
C GLU A 85 -25.53 29.08 14.37
N GLN A 86 -25.04 28.66 13.19
CA GLN A 86 -25.10 29.47 11.96
C GLN A 86 -26.40 29.29 11.18
N GLY A 87 -27.33 28.49 11.69
CA GLY A 87 -28.63 28.28 11.05
C GLY A 87 -28.54 27.55 9.73
N LYS A 88 -27.72 26.50 9.68
CA LYS A 88 -27.48 25.73 8.45
C LYS A 88 -27.79 24.26 8.65
N GLU A 89 -28.08 23.58 7.55
CA GLU A 89 -28.54 22.20 7.56
C GLU A 89 -27.47 21.37 6.85
N LEU A 90 -26.68 20.63 7.63
CA LEU A 90 -25.46 19.99 7.13
C LEU A 90 -25.21 18.67 7.84
N GLU A 91 -24.92 17.63 7.07
CA GLU A 91 -24.68 16.29 7.60
C GLU A 91 -23.20 16.19 7.93
N PHE A 92 -22.91 15.77 9.15
CA PHE A 92 -21.58 15.42 9.57
C PHE A 92 -21.63 13.99 10.05
N ARG A 93 -20.57 13.25 9.76
CA ARG A 93 -20.50 11.82 10.06
C ARG A 93 -19.20 11.50 10.74
N HIS A 94 -19.24 10.50 11.61
CA HIS A 94 -18.04 9.88 12.13
C HIS A 94 -17.50 8.85 11.13
N GLY A 95 -16.20 8.92 10.81
CA GLY A 95 -15.58 7.97 9.86
C GLY A 95 -14.08 8.17 9.64
N ASP A 96 -13.47 7.21 8.96
CA ASP A 96 -12.04 7.20 8.74
C ASP A 96 -11.86 7.33 7.24
N ALA A 97 -11.02 8.28 6.84
CA ALA A 97 -10.80 8.55 5.42
C ALA A 97 -10.03 7.43 4.79
N GLN A 98 -9.37 6.61 5.60
CA GLN A 98 -8.63 5.47 5.08
C GLN A 98 -9.51 4.28 4.70
N SER A 99 -10.81 4.33 4.97
CA SER A 99 -11.70 3.30 4.42
C SER A 99 -13.12 3.77 4.14
N PRO A 100 -13.80 3.12 3.18
CA PRO A 100 -15.21 3.42 2.92
C PRO A 100 -16.21 3.04 4.03
N ALA A 101 -15.78 2.34 5.08
CA ALA A 101 -16.71 1.92 6.17
C ALA A 101 -17.54 3.08 6.72
N GLY A 102 -18.85 2.87 6.79
CA GLY A 102 -19.77 3.89 7.26
C GLY A 102 -20.17 4.88 6.19
N MET A 103 -19.61 4.75 5.00
CA MET A 103 -19.85 5.64 3.87
C MET A 103 -20.26 4.85 2.61
N GLU A 104 -20.70 3.60 2.79
CA GLU A 104 -21.02 2.75 1.65
C GLU A 104 -22.14 3.35 0.80
N ASP A 105 -23.06 4.08 1.45
CA ASP A 105 -24.14 4.73 0.74
C ASP A 105 -23.65 5.91 -0.15
N LEU A 106 -22.47 6.44 0.14
CA LEU A 106 -21.86 7.47 -0.70
C LEU A 106 -20.99 6.91 -1.82
N LEU A 107 -20.72 5.60 -1.82
CA LEU A 107 -19.81 5.02 -2.82
C LEU A 107 -20.29 5.28 -4.25
N GLY A 108 -19.39 5.85 -5.06
CA GLY A 108 -19.70 6.26 -6.41
C GLY A 108 -20.75 7.35 -6.54
N LYS A 109 -21.05 8.11 -5.48
CA LYS A 109 -22.10 9.14 -5.53
C LYS A 109 -21.65 10.59 -5.58
N ALA A 110 -20.44 10.85 -5.11
CA ALA A 110 -20.00 12.22 -4.96
C ALA A 110 -19.55 12.79 -6.29
N ASP A 111 -19.95 14.03 -6.60
CA ASP A 111 -19.40 14.74 -7.76
C ASP A 111 -17.98 15.23 -7.47
N LEU A 112 -17.76 15.65 -6.23
CA LEU A 112 -16.44 16.00 -5.72
C LEU A 112 -16.18 15.35 -4.37
N VAL A 113 -14.95 14.91 -4.16
CA VAL A 113 -14.49 14.46 -2.86
C VAL A 113 -13.19 15.18 -2.58
N VAL A 114 -13.13 15.82 -1.41
CA VAL A 114 -12.12 16.79 -1.09
C VAL A 114 -11.60 16.57 0.36
N SER A 115 -10.40 17.05 0.64
CA SER A 115 -9.86 17.08 1.99
C SER A 115 -8.86 18.21 2.10
N ARG A 116 -9.00 19.03 3.15
CA ARG A 116 -8.09 20.15 3.40
C ARG A 116 -7.26 19.92 4.66
N HIS A 117 -5.94 20.02 4.51
CA HIS A 117 -4.96 20.11 5.63
C HIS A 117 -5.12 18.98 6.67
N ALA A 118 -5.21 17.77 6.14
CA ALA A 118 -5.45 16.58 6.93
C ALA A 118 -4.70 15.34 6.43
N PHE A 119 -4.53 15.16 5.13
CA PHE A 119 -3.98 13.89 4.59
C PHE A 119 -2.53 13.60 5.02
N HIS A 120 -1.78 14.65 5.35
CA HIS A 120 -0.46 14.46 5.96
C HIS A 120 -0.46 13.74 7.32
N ARG A 121 -1.62 13.68 7.99
CA ARG A 121 -1.78 12.97 9.25
C ARG A 121 -2.06 11.46 9.09
N LEU A 122 -2.51 11.00 7.91
CA LEU A 122 -2.96 9.61 7.76
C LEU A 122 -1.79 8.67 7.89
N THR A 123 -2.06 7.51 8.49
CA THR A 123 -1.09 6.44 8.60
C THR A 123 -0.87 5.80 7.24
N ARG A 124 -1.94 5.57 6.48
CA ARG A 124 -1.80 5.00 5.14
C ARG A 124 -2.38 5.98 4.12
N LEU A 125 -1.50 6.82 3.60
CA LEU A 125 -1.87 7.81 2.61
C LEU A 125 -2.55 7.23 1.35
N PRO A 126 -1.98 6.15 0.77
CA PRO A 126 -2.64 5.55 -0.40
C PRO A 126 -4.12 5.15 -0.18
N ALA A 127 -4.47 4.70 1.02
CA ALA A 127 -5.86 4.35 1.34
C ALA A 127 -6.80 5.58 1.39
N GLY A 128 -6.28 6.72 1.85
CA GLY A 128 -6.99 7.99 1.75
C GLY A 128 -7.43 8.29 0.33
N PHE A 129 -6.47 8.27 -0.60
CA PHE A 129 -6.79 8.50 -2.01
C PHE A 129 -7.70 7.43 -2.63
N ASP A 130 -7.56 6.19 -2.16
CA ASP A 130 -8.45 5.09 -2.58
C ASP A 130 -9.90 5.39 -2.21
N THR A 131 -10.11 5.78 -0.95
CA THR A 131 -11.45 6.14 -0.47
C THR A 131 -12.02 7.31 -1.31
N MET A 132 -11.16 8.27 -1.64
CA MET A 132 -11.53 9.42 -2.48
C MET A 132 -12.06 9.00 -3.84
N LEU A 133 -11.28 8.20 -4.55
CA LEU A 133 -11.64 7.74 -5.89
C LEU A 133 -12.84 6.81 -5.93
N ARG A 134 -13.01 6.04 -4.86
CA ARG A 134 -14.16 5.17 -4.70
C ARG A 134 -15.42 5.94 -4.35
N LEU A 135 -15.32 7.01 -3.56
CA LEU A 135 -16.50 7.81 -3.22
C LEU A 135 -17.01 8.67 -4.40
N VAL A 136 -16.10 9.09 -5.28
CA VAL A 136 -16.46 9.97 -6.39
C VAL A 136 -17.14 9.19 -7.54
N LYS A 137 -18.08 9.85 -8.20
CA LYS A 137 -18.72 9.26 -9.40
C LYS A 137 -17.69 9.16 -10.54
N PRO A 138 -17.91 8.21 -11.48
CA PRO A 138 -17.13 8.30 -12.73
C PRO A 138 -17.31 9.68 -13.38
N GLY A 139 -16.20 10.27 -13.82
CA GLY A 139 -16.21 11.65 -14.35
C GLY A 139 -16.09 12.71 -13.26
N GLY A 140 -16.19 12.34 -11.98
CA GLY A 140 -16.06 13.29 -10.87
C GLY A 140 -14.60 13.58 -10.51
N ALA A 141 -14.38 14.61 -9.71
CA ALA A 141 -13.03 15.06 -9.30
C ALA A 141 -12.76 14.87 -7.81
N ILE A 142 -11.48 14.70 -7.48
CA ILE A 142 -10.99 14.65 -6.13
C ILE A 142 -9.91 15.71 -5.97
N LEU A 143 -9.89 16.32 -4.79
CA LEU A 143 -8.88 17.34 -4.48
C LEU A 143 -8.46 17.21 -3.04
N ASN A 144 -7.18 16.94 -2.84
CA ASN A 144 -6.54 17.07 -1.55
C ASN A 144 -5.52 18.22 -1.62
N VAL A 145 -5.56 19.08 -0.62
CA VAL A 145 -4.49 20.01 -0.36
C VAL A 145 -4.01 19.75 1.06
N SER A 146 -2.72 19.39 1.21
CA SER A 146 -2.17 19.13 2.54
C SER A 146 -0.65 19.41 2.67
N PHE A 147 -0.08 19.11 3.82
CA PHE A 147 1.24 19.60 4.18
C PHE A 147 2.40 18.84 3.53
N LEU A 148 3.47 19.59 3.28
CA LEU A 148 4.69 19.11 2.69
C LEU A 148 5.73 18.77 3.76
N HIS A 149 6.45 17.67 3.61
CA HIS A 149 7.52 17.34 4.52
C HIS A 149 8.61 18.41 4.45
N LEU A 150 9.18 18.72 5.63
CA LEU A 150 10.21 19.77 5.79
C LEU A 150 11.41 19.66 4.86
N SER A 151 11.77 18.42 4.52
CA SER A 151 12.85 18.11 3.57
C SER A 151 12.58 18.58 2.13
N ASP A 152 11.34 18.86 1.74
CA ASP A 152 11.05 19.35 0.37
C ASP A 152 10.90 20.86 0.23
N PHE A 153 11.16 21.60 1.30
CA PHE A 153 11.19 23.06 1.25
C PHE A 153 12.57 23.56 0.81
N ASP A 154 12.59 24.42 -0.22
CA ASP A 154 13.83 25.13 -0.62
C ASP A 154 14.05 26.29 0.35
N GLU A 155 15.12 27.06 0.19
CA GLU A 155 15.43 28.11 1.19
C GLU A 155 14.34 29.16 1.33
N PRO A 156 13.98 29.82 0.21
CA PRO A 156 12.90 30.80 0.37
C PRO A 156 11.61 30.19 0.99
N GLY A 157 11.26 28.98 0.57
CA GLY A 157 10.07 28.32 1.06
C GLY A 157 10.14 28.09 2.54
N PHE A 158 11.32 27.75 3.04
CA PHE A 158 11.51 27.47 4.46
C PHE A 158 11.51 28.74 5.30
N ARG A 159 12.15 29.79 4.81
CA ARG A 159 12.10 31.09 5.47
C ARG A 159 10.66 31.52 5.73
N THR A 160 9.85 31.43 4.68
CA THR A 160 8.41 31.68 4.76
C THR A 160 7.76 30.82 5.82
N TRP A 161 8.07 29.52 5.84
CA TRP A 161 7.55 28.60 6.86
C TRP A 161 7.79 29.09 8.29
N VAL A 162 9.03 29.52 8.56
CA VAL A 162 9.40 30.06 9.88
C VAL A 162 8.66 31.36 10.17
N ARG A 163 8.62 32.24 9.19
CA ARG A 163 7.96 33.53 9.33
C ARG A 163 6.45 33.37 9.56
N PHE A 164 5.82 32.47 8.80
CA PHE A 164 4.40 32.11 9.01
C PHE A 164 4.16 31.66 10.45
N LEU A 165 5.01 30.76 10.94
CA LEU A 165 4.86 30.20 12.28
C LEU A 165 4.91 31.28 13.36
N LYS A 166 5.96 32.09 13.29
CA LYS A 166 6.16 33.28 14.14
C LYS A 166 4.95 34.22 14.26
N GLU A 167 4.47 34.68 13.12
CA GLU A 167 3.44 35.71 13.03
C GLU A 167 1.99 35.16 13.06
N ARG A 168 1.81 33.86 13.29
CA ARG A 168 0.46 33.33 13.49
C ARG A 168 -0.01 33.67 14.90
N PRO A 169 -1.27 34.10 15.04
CA PRO A 169 -1.72 34.47 16.37
C PRO A 169 -2.18 33.22 17.12
N TRP A 170 -1.22 32.42 17.61
CA TRP A 170 -1.56 31.22 18.38
C TRP A 170 -0.47 30.80 19.37
N ASP A 171 -0.85 30.01 20.38
CA ASP A 171 0.06 29.69 21.50
C ASP A 171 1.13 28.63 21.17
N ALA A 172 2.08 28.45 22.10
CA ALA A 172 3.15 27.46 21.99
C ALA A 172 2.67 26.05 21.61
N GLU A 173 1.60 25.63 22.25
CA GLU A 173 1.12 24.25 22.11
C GLU A 173 0.55 24.04 20.70
N MET A 174 -0.12 25.06 20.17
CA MET A 174 -0.61 25.06 18.79
C MET A 174 0.52 25.04 17.75
N GLN A 175 1.52 25.91 17.93
CA GLN A 175 2.69 25.99 17.06
C GLN A 175 3.38 24.63 16.90
N VAL A 176 3.57 23.95 18.03
CA VAL A 176 4.29 22.69 18.06
C VAL A 176 3.55 21.65 17.24
N ALA A 177 2.22 21.55 17.47
CA ALA A 177 1.36 20.63 16.71
C ALA A 177 1.44 20.90 15.21
N TRP A 178 1.41 22.16 14.80
CA TRP A 178 1.51 22.51 13.38
C TRP A 178 2.90 22.17 12.78
N ALA A 179 3.95 22.45 13.55
CA ALA A 179 5.32 22.08 13.21
C ALA A 179 5.49 20.58 13.10
N LEU A 180 5.05 19.86 14.14
CA LEU A 180 5.10 18.40 14.14
C LEU A 180 4.34 17.79 12.96
N ALA A 181 3.21 18.40 12.62
CA ALA A 181 2.44 17.97 11.45
C ALA A 181 3.27 17.99 10.15
N HIS A 182 4.14 19.00 10.04
CA HIS A 182 5.10 19.08 8.94
C HIS A 182 6.30 18.13 9.10
N TYR A 183 6.82 17.98 10.32
CA TYR A 183 7.84 16.96 10.65
C TYR A 183 7.46 15.55 10.16
N TYR A 184 6.17 15.20 10.31
CA TYR A 184 5.65 13.89 9.91
C TYR A 184 4.93 13.85 8.55
N ALA A 185 4.99 14.93 7.78
CA ALA A 185 4.23 15.02 6.57
C ALA A 185 4.87 14.12 5.51
N PRO A 186 4.08 13.61 4.56
CA PRO A 186 4.69 12.95 3.41
C PRO A 186 5.55 13.90 2.59
N ARG A 187 6.56 13.36 1.92
CA ARG A 187 7.31 14.13 0.93
C ARG A 187 6.45 14.21 -0.34
N LEU A 188 6.83 15.12 -1.23
CA LEU A 188 6.14 15.32 -2.50
C LEU A 188 6.05 14.02 -3.25
N GLN A 189 7.15 13.27 -3.30
CA GLN A 189 7.16 12.00 -4.04
C GLN A 189 6.24 10.93 -3.41
N ASP A 190 6.06 11.01 -2.09
CA ASP A 190 5.14 10.10 -1.39
C ASP A 190 3.68 10.34 -1.83
N TYR A 191 3.30 11.61 -1.97
CA TYR A 191 1.99 11.99 -2.51
C TYR A 191 1.81 11.44 -3.92
N ARG A 192 2.81 11.61 -4.77
CA ARG A 192 2.76 11.12 -6.17
C ARG A 192 2.60 9.60 -6.21
N ASP A 193 3.33 8.90 -5.34
CA ASP A 193 3.27 7.43 -5.23
C ASP A 193 1.88 6.98 -4.77
N ALA A 194 1.37 7.59 -3.70
CA ALA A 194 0.10 7.17 -3.09
C ALA A 194 -1.06 7.40 -4.05
N LEU A 195 -1.03 8.49 -4.79
CA LEU A 195 -2.11 8.75 -5.77
C LEU A 195 -2.04 7.79 -6.98
N ALA A 196 -0.83 7.51 -7.49
CA ALA A 196 -0.66 6.56 -8.62
C ALA A 196 -1.21 5.18 -8.25
N GLN A 197 -0.88 4.79 -7.03
CA GLN A 197 -1.29 3.55 -6.40
C GLN A 197 -2.82 3.44 -6.34
N ALA A 198 -3.48 4.46 -5.79
CA ALA A 198 -4.94 4.54 -5.76
C ALA A 198 -5.54 4.50 -7.17
N ALA A 199 -4.91 5.21 -8.12
CA ALA A 199 -5.31 5.20 -9.54
C ALA A 199 -5.09 3.84 -10.26
N ASP A 200 -4.08 3.07 -9.83
CA ASP A 200 -3.98 1.68 -10.33
C ASP A 200 -5.24 0.85 -10.06
N GLU A 201 -5.94 1.14 -8.95
CA GLU A 201 -7.09 0.36 -8.52
C GLU A 201 -8.40 0.99 -8.98
N THR A 202 -8.45 2.33 -9.11
CA THR A 202 -9.61 3.01 -9.66
C THR A 202 -9.14 4.00 -10.74
N PRO A 203 -9.29 3.64 -12.03
CA PRO A 203 -8.71 4.46 -13.10
C PRO A 203 -9.13 5.93 -13.17
N VAL A 204 -8.16 6.79 -13.42
CA VAL A 204 -8.37 8.23 -13.61
C VAL A 204 -8.10 8.63 -15.06
N SER A 205 -8.83 9.63 -15.54
CA SER A 205 -8.61 10.22 -16.87
C SER A 205 -7.59 11.34 -16.85
N GLU A 206 -7.20 11.74 -15.65
CA GLU A 206 -6.44 12.95 -15.41
C GLU A 206 -5.94 12.94 -13.95
N GLN A 207 -4.66 13.30 -13.74
CA GLN A 207 -4.14 13.57 -12.41
C GLN A 207 -2.97 14.53 -12.45
N ARG A 208 -2.70 15.11 -11.28
CA ARG A 208 -1.69 16.14 -11.16
C ARG A 208 -1.42 16.38 -9.68
N ILE A 209 -0.14 16.35 -9.30
CA ILE A 209 0.35 16.84 -8.02
C ILE A 209 1.23 18.09 -8.30
N TRP A 210 1.11 19.11 -7.46
CA TRP A 210 2.08 20.22 -7.45
C TRP A 210 2.18 20.87 -6.09
N VAL A 211 3.17 21.74 -5.95
CA VAL A 211 3.41 22.45 -4.71
C VAL A 211 3.47 23.93 -5.04
N ASP A 212 2.66 24.71 -4.35
CA ASP A 212 2.75 26.15 -4.39
C ASP A 212 2.06 26.75 -3.16
N ASP A 213 2.01 28.07 -3.11
CA ASP A 213 1.21 28.81 -2.14
C ASP A 213 0.43 29.92 -2.85
N GLN A 214 -0.89 29.73 -2.99
CA GLN A 214 -1.80 30.76 -3.55
C GLN A 214 -2.67 31.50 -2.51
N GLY A 215 -2.26 31.52 -1.24
CA GLY A 215 -3.02 32.21 -0.20
C GLY A 215 -2.88 31.74 1.25
N TYR A 216 -2.79 30.44 1.47
CA TYR A 216 -2.70 29.93 2.86
C TYR A 216 -1.58 30.56 3.69
N GLY A 217 -0.38 30.67 3.09
CA GLY A 217 0.76 31.33 3.74
C GLY A 217 2.06 30.52 3.80
N VAL A 218 1.96 29.22 3.57
CA VAL A 218 3.11 28.38 3.28
C VAL A 218 2.79 27.54 2.05
N ALA A 219 3.83 26.97 1.45
CA ALA A 219 3.66 25.95 0.42
C ALA A 219 2.92 24.72 0.96
N THR A 220 1.92 24.29 0.21
CA THR A 220 1.19 23.07 0.48
C THR A 220 1.17 22.24 -0.80
N VAL A 221 0.89 20.96 -0.64
CA VAL A 221 0.83 20.05 -1.75
C VAL A 221 -0.60 19.98 -2.26
N LYS A 222 -0.78 20.14 -3.56
CA LYS A 222 -2.06 19.95 -4.23
C LYS A 222 -2.10 18.66 -5.01
N CYS A 223 -3.16 17.89 -4.81
CA CYS A 223 -3.36 16.60 -5.50
C CYS A 223 -4.76 16.61 -6.12
N PHE A 224 -4.81 16.52 -7.44
CA PHE A 224 -6.06 16.57 -8.19
C PHE A 224 -6.12 15.37 -9.13
N ALA A 225 -7.31 14.77 -9.24
CA ALA A 225 -7.58 13.76 -10.25
C ALA A 225 -9.05 13.70 -10.58
N ARG A 226 -9.34 13.20 -11.78
CA ARG A 226 -10.70 13.00 -12.22
C ARG A 226 -10.84 11.52 -12.55
N ARG A 227 -11.84 10.90 -11.91
CA ARG A 227 -12.13 9.51 -12.15
C ARG A 227 -12.55 9.32 -13.59
N ALA A 228 -12.06 8.24 -14.18
CA ALA A 228 -12.35 7.91 -15.58
C ALA A 228 -13.83 7.58 -15.75
N ALA A 229 -14.34 7.78 -16.96
CA ALA A 229 -15.79 7.61 -17.26
C ALA A 229 -16.14 6.13 -17.35
N ALA A 230 -17.37 5.78 -16.98
CA ALA A 230 -17.75 4.38 -16.76
C ALA A 230 -17.70 3.48 -18.01
N MET B 1 -1.04 -29.57 13.08
CA MET B 1 -0.68 -28.18 12.61
C MET B 1 0.17 -28.17 11.34
N LYS B 2 0.22 -27.01 10.69
CA LYS B 2 1.02 -26.88 9.48
C LYS B 2 2.52 -27.05 9.74
N ILE B 3 3.19 -27.68 8.79
CA ILE B 3 4.63 -27.91 8.83
C ILE B 3 5.34 -26.90 7.92
N GLU B 4 6.39 -26.23 8.42
CA GLU B 4 7.14 -25.26 7.60
C GLU B 4 8.10 -25.92 6.59
N PRO B 5 9.22 -26.57 7.04
CA PRO B 5 10.18 -27.09 6.07
C PRO B 5 9.75 -28.33 5.30
N ILE B 6 10.46 -28.61 4.23
CA ILE B 6 10.37 -29.90 3.55
C ILE B 6 11.76 -30.54 3.65
N THR B 7 11.78 -31.82 4.06
CA THR B 7 13.00 -32.47 4.55
C THR B 7 13.18 -33.89 3.99
N GLY B 8 14.42 -34.38 4.07
CA GLY B 8 14.75 -35.78 3.74
C GLY B 8 14.28 -36.23 2.36
N SER B 9 13.55 -37.36 2.33
CA SER B 9 13.08 -37.98 1.08
C SER B 9 11.95 -37.19 0.43
N GLU B 10 11.18 -36.48 1.26
CA GLU B 10 10.21 -35.48 0.80
C GLU B 10 10.89 -34.48 -0.13
N ALA B 11 12.03 -33.93 0.31
CA ALA B 11 12.79 -32.93 -0.45
C ALA B 11 13.44 -33.50 -1.72
N GLU B 12 13.95 -34.73 -1.64
CA GLU B 12 14.58 -35.39 -2.81
C GLU B 12 13.48 -35.58 -3.86
N ALA B 13 12.30 -35.99 -3.38
CA ALA B 13 11.13 -36.22 -4.23
C ALA B 13 10.59 -34.91 -4.82
N PHE B 14 10.50 -33.87 -3.99
CA PHE B 14 10.19 -32.52 -4.47
C PHE B 14 11.18 -32.10 -5.56
N HIS B 15 12.47 -32.38 -5.36
CA HIS B 15 13.50 -32.07 -6.36
C HIS B 15 13.39 -32.92 -7.63
N ARG B 16 13.07 -34.21 -7.49
CA ARG B 16 12.89 -35.09 -8.67
C ARG B 16 11.76 -34.62 -9.55
N MET B 17 10.59 -34.43 -8.95
CA MET B 17 9.42 -33.88 -9.65
C MET B 17 9.70 -32.53 -10.31
N GLY B 18 10.30 -31.62 -9.54
CA GLY B 18 10.44 -30.23 -9.95
C GLY B 18 11.37 -30.00 -11.12
N SER B 19 12.57 -30.58 -11.05
CA SER B 19 13.61 -30.34 -12.07
C SER B 19 13.36 -31.05 -13.41
N ARG B 20 12.38 -31.95 -13.44
CA ARG B 20 11.88 -32.52 -14.70
C ARG B 20 10.79 -31.63 -15.32
N ALA B 21 9.98 -30.97 -14.47
CA ALA B 21 8.89 -30.08 -14.89
C ALA B 21 9.29 -28.60 -14.78
N PHE B 22 10.30 -28.23 -15.55
CA PHE B 22 10.76 -26.85 -15.67
C PHE B 22 9.69 -25.87 -16.16
N GLU B 23 8.81 -26.34 -17.06
CA GLU B 23 7.72 -25.52 -17.60
C GLU B 23 6.97 -24.72 -16.53
N ARG B 24 6.69 -25.37 -15.40
CA ARG B 24 5.88 -24.77 -14.35
C ARG B 24 6.56 -23.63 -13.58
N TYR B 25 7.86 -23.41 -13.80
CA TYR B 25 8.52 -22.22 -13.29
C TYR B 25 8.30 -21.00 -14.21
N ASN B 26 7.82 -21.17 -15.44
CA ASN B 26 7.77 -20.05 -16.41
C ASN B 26 6.88 -18.88 -15.96
N GLU B 27 5.73 -19.19 -15.36
CA GLU B 27 4.90 -18.15 -14.77
C GLU B 27 5.71 -17.23 -13.85
N PHE B 28 6.53 -17.82 -12.96
CA PHE B 28 7.26 -17.02 -11.97
C PHE B 28 8.34 -16.20 -12.66
N VAL B 29 9.10 -16.83 -13.56
CA VAL B 29 10.17 -16.12 -14.28
C VAL B 29 9.64 -14.91 -15.05
N ASP B 30 8.48 -15.07 -15.66
CA ASP B 30 7.77 -13.99 -16.34
C ASP B 30 7.32 -12.83 -15.46
N LEU B 31 6.89 -13.13 -14.24
CA LEU B 31 6.60 -12.07 -13.27
C LEU B 31 7.86 -11.25 -12.88
N LEU B 32 8.96 -11.97 -12.64
CA LEU B 32 10.29 -11.35 -12.41
C LEU B 32 10.69 -10.40 -13.52
N VAL B 33 10.53 -10.84 -14.77
CA VAL B 33 10.80 -9.99 -15.93
C VAL B 33 9.90 -8.73 -15.83
N GLY B 34 8.62 -8.93 -15.57
CA GLY B 34 7.70 -7.83 -15.40
C GLY B 34 8.09 -6.93 -14.24
N ALA B 35 8.68 -7.53 -13.21
CA ALA B 35 9.20 -6.80 -12.05
C ALA B 35 10.52 -6.04 -12.27
N GLY B 36 11.12 -6.15 -13.45
CA GLY B 36 12.37 -5.47 -13.77
C GLY B 36 13.66 -6.23 -13.54
N ILE B 37 13.62 -7.57 -13.49
CA ILE B 37 14.84 -8.35 -13.27
C ILE B 37 15.76 -8.10 -14.46
N ALA B 38 17.06 -8.10 -14.21
CA ALA B 38 18.03 -7.73 -15.23
C ALA B 38 19.44 -8.16 -14.86
N ASP B 39 20.24 -8.31 -15.90
CA ASP B 39 21.63 -8.73 -15.79
C ASP B 39 22.44 -7.95 -14.76
N GLY B 40 23.15 -8.67 -13.88
CA GLY B 40 24.07 -8.06 -12.92
C GLY B 40 23.43 -7.71 -11.59
N GLN B 41 22.11 -7.88 -11.48
CA GLN B 41 21.40 -7.52 -10.24
C GLN B 41 21.70 -8.51 -9.12
N THR B 42 21.46 -8.11 -7.88
CA THR B 42 21.51 -9.03 -6.75
C THR B 42 20.08 -9.43 -6.44
N VAL B 43 19.83 -10.74 -6.44
CA VAL B 43 18.49 -11.29 -6.28
C VAL B 43 18.53 -12.30 -5.15
N VAL B 44 17.65 -12.13 -4.16
CA VAL B 44 17.56 -13.06 -3.02
C VAL B 44 16.26 -13.85 -3.16
N ASP B 45 16.37 -15.18 -3.13
CA ASP B 45 15.24 -16.07 -3.20
C ASP B 45 15.05 -16.72 -1.85
N LEU B 46 13.99 -16.33 -1.15
CA LEU B 46 13.66 -16.88 0.16
C LEU B 46 12.84 -18.14 0.01
N CYS B 47 13.20 -19.20 0.77
CA CYS B 47 12.55 -20.50 0.69
C CYS B 47 12.84 -21.15 -0.66
N CYS B 48 14.13 -21.19 -1.01
CA CYS B 48 14.57 -21.52 -2.37
C CYS B 48 14.43 -22.99 -2.71
N GLY B 49 14.18 -23.84 -1.72
CA GLY B 49 14.06 -25.28 -1.98
C GLY B 49 15.32 -25.86 -2.61
N SER B 50 15.14 -26.77 -3.56
CA SER B 50 16.22 -27.54 -4.19
C SER B 50 16.91 -26.84 -5.36
N GLY B 51 16.61 -25.56 -5.59
CA GLY B 51 17.44 -24.71 -6.45
C GLY B 51 17.00 -24.58 -7.90
N GLU B 52 15.85 -25.13 -8.27
CA GLU B 52 15.37 -25.11 -9.66
C GLU B 52 15.38 -23.70 -10.25
N LEU B 53 14.81 -22.75 -9.53
CA LEU B 53 14.72 -21.36 -9.99
C LEU B 53 16.09 -20.75 -10.22
N GLU B 54 17.02 -21.12 -9.35
CA GLU B 54 18.37 -20.62 -9.41
C GLU B 54 19.09 -21.08 -10.68
N ILE B 55 18.80 -22.31 -11.11
CA ILE B 55 19.40 -22.92 -12.31
C ILE B 55 18.78 -22.30 -13.53
N ILE B 56 17.46 -22.22 -13.52
CA ILE B 56 16.76 -21.53 -14.59
C ILE B 56 17.31 -20.09 -14.70
N LEU B 57 17.35 -19.35 -13.60
CA LEU B 57 17.69 -17.93 -13.70
C LEU B 57 19.15 -17.71 -14.15
N THR B 58 20.09 -18.46 -13.58
CA THR B 58 21.49 -18.37 -14.01
C THR B 58 21.67 -18.76 -15.48
N SER B 59 20.84 -19.68 -15.98
CA SER B 59 20.94 -20.12 -17.37
C SER B 59 20.51 -19.02 -18.31
N ARG B 60 19.34 -18.45 -18.02
CA ARG B 60 18.80 -17.28 -18.76
C ARG B 60 19.62 -16.01 -18.54
N PHE B 61 20.06 -15.77 -17.29
CA PHE B 61 20.71 -14.51 -16.90
C PHE B 61 22.03 -14.78 -16.17
N PRO B 62 23.09 -15.24 -16.90
CA PRO B 62 24.38 -15.64 -16.28
C PRO B 62 25.04 -14.54 -15.45
N SER B 63 24.70 -13.31 -15.78
CA SER B 63 25.06 -12.11 -15.06
C SER B 63 24.57 -11.95 -13.61
N LEU B 64 23.44 -12.59 -13.26
CA LEU B 64 22.81 -12.37 -11.95
C LEU B 64 23.66 -12.84 -10.77
N ASN B 65 23.62 -12.07 -9.68
CA ASN B 65 24.19 -12.50 -8.40
C ASN B 65 23.06 -13.08 -7.52
N LEU B 66 22.96 -14.40 -7.49
CA LEU B 66 21.85 -15.13 -6.85
C LEU B 66 22.20 -15.65 -5.47
N VAL B 67 21.34 -15.36 -4.49
CA VAL B 67 21.44 -15.97 -3.17
C VAL B 67 20.11 -16.69 -2.86
N GLY B 68 20.17 -18.02 -2.81
CA GLY B 68 19.06 -18.86 -2.34
C GLY B 68 19.11 -19.03 -0.83
N VAL B 69 17.98 -18.87 -0.15
CA VAL B 69 17.91 -19.12 1.30
C VAL B 69 16.82 -20.17 1.61
N ASP B 70 17.13 -21.16 2.45
CA ASP B 70 16.08 -22.10 2.89
C ASP B 70 16.26 -22.54 4.33
N LEU B 71 15.15 -22.81 5.01
CA LEU B 71 15.17 -23.24 6.39
C LEU B 71 15.62 -24.71 6.50
N SER B 72 15.42 -25.49 5.42
CA SER B 72 15.80 -26.89 5.39
C SER B 72 17.20 -27.06 4.86
N GLU B 73 18.15 -27.35 5.75
CA GLU B 73 19.53 -27.65 5.37
C GLU B 73 19.67 -28.71 4.26
N ASP B 74 18.81 -29.71 4.30
CA ASP B 74 18.79 -30.73 3.26
C ASP B 74 18.53 -30.10 1.89
N MET B 75 17.56 -29.18 1.85
CA MET B 75 17.26 -28.42 0.63
C MET B 75 18.48 -27.63 0.20
N VAL B 76 19.11 -26.95 1.16
CA VAL B 76 20.35 -26.21 0.86
C VAL B 76 21.40 -27.15 0.24
N ARG B 77 21.54 -28.35 0.80
CA ARG B 77 22.55 -29.30 0.28
C ARG B 77 22.22 -29.87 -1.08
N ILE B 78 20.95 -30.25 -1.26
CA ILE B 78 20.44 -30.68 -2.56
C ILE B 78 20.70 -29.60 -3.62
N ALA B 79 20.38 -28.35 -3.27
CA ALA B 79 20.54 -27.20 -4.18
C ALA B 79 22.00 -27.03 -4.64
N ARG B 80 22.92 -27.15 -3.70
CA ARG B 80 24.36 -27.00 -4.01
C ARG B 80 24.82 -28.13 -4.94
N ASP B 81 24.47 -29.38 -4.59
CA ASP B 81 24.71 -30.53 -5.46
C ASP B 81 24.12 -30.33 -6.85
N TYR B 82 22.85 -29.90 -6.89
CA TYR B 82 22.17 -29.60 -8.17
C TYR B 82 22.93 -28.53 -8.95
N ALA B 83 23.39 -27.49 -8.25
CA ALA B 83 24.19 -26.45 -8.86
C ALA B 83 25.48 -27.04 -9.45
N ALA B 84 26.20 -27.82 -8.65
CA ALA B 84 27.42 -28.51 -9.12
C ALA B 84 27.12 -29.42 -10.31
N GLU B 85 26.07 -30.25 -10.18
CA GLU B 85 25.55 -31.09 -11.28
C GLU B 85 25.36 -30.32 -12.57
N GLN B 86 24.85 -29.10 -12.47
CA GLN B 86 24.68 -28.20 -13.61
C GLN B 86 25.93 -27.35 -13.95
N GLY B 87 27.04 -27.58 -13.25
CA GLY B 87 28.25 -26.78 -13.42
C GLY B 87 28.04 -25.28 -13.23
N LYS B 88 27.43 -24.91 -12.11
CA LYS B 88 27.17 -23.50 -11.79
C LYS B 88 27.74 -23.18 -10.42
N GLU B 89 28.08 -21.91 -10.22
CA GLU B 89 28.61 -21.39 -8.95
C GLU B 89 27.53 -20.51 -8.32
N LEU B 90 26.72 -21.09 -7.45
CA LEU B 90 25.59 -20.38 -6.85
C LEU B 90 25.70 -20.42 -5.35
N GLU B 91 25.23 -19.36 -4.72
CA GLU B 91 25.29 -19.24 -3.28
C GLU B 91 23.97 -19.71 -2.69
N PHE B 92 24.06 -20.69 -1.81
CA PHE B 92 22.93 -21.13 -1.01
C PHE B 92 23.29 -20.96 0.43
N ARG B 93 22.25 -20.76 1.22
CA ARG B 93 22.36 -20.27 2.58
C ARG B 93 21.23 -20.88 3.41
N HIS B 94 21.55 -21.38 4.61
CA HIS B 94 20.54 -21.79 5.58
C HIS B 94 19.97 -20.55 6.30
N GLY B 95 18.64 -20.44 6.41
CA GLY B 95 18.01 -19.23 6.96
C GLY B 95 16.50 -19.31 7.01
N ASP B 96 15.91 -18.44 7.83
CA ASP B 96 14.50 -18.34 8.05
C ASP B 96 13.95 -17.06 7.40
N ALA B 97 13.02 -17.21 6.45
CA ALA B 97 12.41 -16.06 5.76
C ALA B 97 11.72 -15.09 6.71
N GLN B 98 11.32 -15.57 7.89
CA GLN B 98 10.67 -14.71 8.87
C GLN B 98 11.61 -13.78 9.64
N SER B 99 12.92 -13.87 9.43
CA SER B 99 13.84 -12.93 10.06
C SER B 99 15.08 -12.61 9.20
N PRO B 100 15.63 -11.38 9.31
CA PRO B 100 16.92 -11.04 8.72
C PRO B 100 18.13 -11.83 9.22
N ALA B 101 18.02 -12.46 10.40
CA ALA B 101 19.15 -13.20 11.01
C ALA B 101 19.89 -14.11 10.02
N GLY B 102 21.21 -13.95 9.97
CA GLY B 102 22.05 -14.67 9.05
C GLY B 102 22.14 -14.08 7.65
N MET B 103 21.36 -13.03 7.41
CA MET B 103 21.32 -12.30 6.14
C MET B 103 21.61 -10.81 6.34
N GLU B 104 22.24 -10.43 7.45
CA GLU B 104 22.43 -9.01 7.78
C GLU B 104 23.29 -8.30 6.73
N ASP B 105 24.19 -9.04 6.11
CA ASP B 105 25.02 -8.54 5.01
C ASP B 105 24.24 -8.29 3.70
N LEU B 106 23.00 -8.77 3.62
CA LEU B 106 22.14 -8.54 2.46
C LEU B 106 21.11 -7.42 2.70
N LEU B 107 20.98 -6.96 3.95
CA LEU B 107 20.02 -5.90 4.28
C LEU B 107 20.21 -4.65 3.44
N GLY B 108 19.14 -4.22 2.77
CA GLY B 108 19.18 -3.08 1.86
C GLY B 108 19.98 -3.28 0.57
N LYS B 109 20.37 -4.49 0.23
CA LYS B 109 21.27 -4.71 -0.91
C LYS B 109 20.62 -5.36 -2.13
N ALA B 110 19.49 -6.03 -1.96
CA ALA B 110 18.90 -6.76 -3.06
C ALA B 110 18.15 -5.82 -3.99
N ASP B 111 18.40 -5.96 -5.29
CA ASP B 111 17.57 -5.35 -6.32
C ASP B 111 16.19 -6.00 -6.37
N LEU B 112 16.13 -7.30 -6.15
CA LEU B 112 14.88 -8.06 -6.06
C LEU B 112 14.94 -9.07 -4.95
N VAL B 113 13.85 -9.17 -4.19
CA VAL B 113 13.64 -10.27 -3.25
C VAL B 113 12.38 -11.01 -3.64
N VAL B 114 12.46 -12.35 -3.67
CA VAL B 114 11.42 -13.17 -4.24
C VAL B 114 11.26 -14.48 -3.45
N SER B 115 10.08 -15.08 -3.59
CA SER B 115 9.78 -16.38 -3.04
C SER B 115 8.71 -17.02 -3.89
N ARG B 116 8.88 -18.32 -4.15
CA ARG B 116 7.97 -19.10 -4.95
C ARG B 116 7.40 -20.24 -4.15
N HIS B 117 6.07 -20.26 -4.05
CA HIS B 117 5.32 -21.41 -3.56
C HIS B 117 5.82 -21.87 -2.19
N ALA B 118 5.93 -20.90 -1.28
CA ALA B 118 6.51 -21.14 0.05
C ALA B 118 5.87 -20.37 1.20
N PHE B 119 5.49 -19.12 0.98
CA PHE B 119 5.00 -18.22 2.05
C PHE B 119 3.68 -18.65 2.73
N HIS B 120 2.88 -19.45 2.04
CA HIS B 120 1.76 -20.14 2.66
C HIS B 120 2.14 -21.08 3.82
N ARG B 121 3.39 -21.53 3.86
CA ARG B 121 3.87 -22.38 4.96
C ARG B 121 4.26 -21.62 6.22
N LEU B 122 4.49 -20.31 6.11
CA LEU B 122 5.05 -19.52 7.21
C LEU B 122 4.05 -19.42 8.33
N THR B 123 4.58 -19.58 9.54
CA THR B 123 3.89 -19.30 10.77
C THR B 123 3.49 -17.84 10.89
N ARG B 124 4.40 -16.92 10.56
CA ARG B 124 4.10 -15.48 10.68
C ARG B 124 4.27 -14.82 9.32
N LEU B 125 3.18 -14.78 8.54
CA LEU B 125 3.23 -14.23 7.17
C LEU B 125 3.76 -12.80 7.15
N PRO B 126 3.28 -11.94 8.08
CA PRO B 126 3.79 -10.56 8.04
C PRO B 126 5.33 -10.45 8.19
N ALA B 127 5.93 -11.39 8.92
CA ALA B 127 7.37 -11.41 9.13
C ALA B 127 8.15 -11.75 7.83
N GLY B 128 7.60 -12.65 7.01
CA GLY B 128 8.13 -12.93 5.70
C GLY B 128 8.21 -11.70 4.81
N PHE B 129 7.10 -10.97 4.68
CA PHE B 129 7.12 -9.71 3.92
C PHE B 129 8.03 -8.65 4.53
N ASP B 130 8.13 -8.61 5.87
CA ASP B 130 9.02 -7.68 6.56
C ASP B 130 10.47 -7.95 6.13
N THR B 131 10.87 -9.23 6.21
CA THR B 131 12.23 -9.63 5.80
C THR B 131 12.50 -9.25 4.31
N MET B 132 11.51 -9.45 3.44
CA MET B 132 11.62 -9.11 2.01
C MET B 132 11.92 -7.64 1.77
N LEU B 133 11.16 -6.77 2.44
CA LEU B 133 11.32 -5.33 2.27
C LEU B 133 12.58 -4.79 2.93
N ARG B 134 13.05 -5.44 3.98
CA ARG B 134 14.29 -5.01 4.61
C ARG B 134 15.52 -5.44 3.82
N LEU B 135 15.44 -6.60 3.17
CA LEU B 135 16.49 -7.05 2.28
C LEU B 135 16.60 -6.22 0.99
N VAL B 136 15.46 -5.78 0.45
CA VAL B 136 15.45 -5.08 -0.84
C VAL B 136 15.96 -3.65 -0.65
N LYS B 137 16.68 -3.15 -1.64
CA LYS B 137 17.16 -1.77 -1.56
C LYS B 137 16.00 -0.79 -1.83
N PRO B 138 16.12 0.47 -1.38
CA PRO B 138 15.14 1.46 -1.86
C PRO B 138 15.09 1.47 -3.39
N GLY B 139 13.88 1.44 -3.94
CA GLY B 139 13.66 1.41 -5.37
C GLY B 139 13.55 0.00 -5.91
N GLY B 140 14.02 -1.00 -5.18
CA GLY B 140 13.90 -2.41 -5.57
C GLY B 140 12.52 -3.01 -5.32
N ALA B 141 12.28 -4.18 -5.87
CA ALA B 141 10.97 -4.82 -5.81
C ALA B 141 11.03 -6.15 -5.11
N ILE B 142 9.89 -6.54 -4.53
CA ILE B 142 9.69 -7.86 -3.94
C ILE B 142 8.57 -8.56 -4.68
N LEU B 143 8.68 -9.88 -4.78
CA LEU B 143 7.62 -10.67 -5.40
C LEU B 143 7.46 -11.97 -4.68
N ASN B 144 6.24 -12.25 -4.26
CA ASN B 144 5.86 -13.54 -3.75
C ASN B 144 4.70 -14.12 -4.59
N VAL B 145 4.84 -15.40 -4.91
CA VAL B 145 3.72 -16.17 -5.46
C VAL B 145 3.59 -17.41 -4.58
N SER B 146 2.40 -17.60 -4.00
CA SER B 146 2.20 -18.73 -3.09
C SER B 146 0.72 -19.15 -3.07
N PHE B 147 0.44 -20.22 -2.36
CA PHE B 147 -0.87 -20.84 -2.42
C PHE B 147 -1.98 -20.06 -1.72
N LEU B 148 -3.18 -20.19 -2.28
CA LEU B 148 -4.38 -19.58 -1.76
C LEU B 148 -5.19 -20.59 -0.94
N HIS B 149 -5.80 -20.15 0.16
CA HIS B 149 -6.63 -21.01 0.98
C HIS B 149 -7.83 -21.52 0.19
N LEU B 150 -8.22 -22.78 0.42
CA LEU B 150 -9.25 -23.47 -0.35
C LEU B 150 -10.59 -22.73 -0.41
N SER B 151 -10.88 -21.97 0.64
CA SER B 151 -12.08 -21.11 0.77
C SER B 151 -12.18 -19.95 -0.20
N ASP B 152 -11.06 -19.54 -0.81
CA ASP B 152 -11.08 -18.45 -1.79
C ASP B 152 -11.17 -18.91 -3.25
N PHE B 153 -11.23 -20.23 -3.46
CA PHE B 153 -11.45 -20.77 -4.79
C PHE B 153 -12.95 -20.76 -5.08
N ASP B 154 -13.31 -20.21 -6.25
CA ASP B 154 -14.66 -20.37 -6.81
C ASP B 154 -14.85 -21.76 -7.46
N GLU B 155 -16.01 -22.01 -8.06
CA GLU B 155 -16.32 -23.35 -8.62
C GLU B 155 -15.37 -23.78 -9.73
N PRO B 156 -15.20 -22.94 -10.77
CA PRO B 156 -14.25 -23.35 -11.81
C PRO B 156 -12.78 -23.52 -11.30
N GLY B 157 -12.36 -22.62 -10.43
CA GLY B 157 -11.03 -22.68 -9.84
C GLY B 157 -10.81 -23.93 -9.01
N PHE B 158 -11.84 -24.34 -8.27
CA PHE B 158 -11.77 -25.58 -7.47
C PHE B 158 -11.81 -26.83 -8.33
N ARG B 159 -12.64 -26.86 -9.37
CA ARG B 159 -12.64 -27.99 -10.31
C ARG B 159 -11.23 -28.20 -10.85
N THR B 160 -10.64 -27.12 -11.35
CA THR B 160 -9.26 -27.08 -11.85
C THR B 160 -8.27 -27.54 -10.79
N TRP B 161 -8.48 -27.13 -9.53
CA TRP B 161 -7.68 -27.63 -8.39
C TRP B 161 -7.70 -29.15 -8.20
N VAL B 162 -8.89 -29.73 -8.21
CA VAL B 162 -9.04 -31.19 -8.06
C VAL B 162 -8.46 -31.91 -9.30
N ARG B 163 -8.71 -31.36 -10.48
CA ARG B 163 -8.21 -31.95 -11.71
C ARG B 163 -6.67 -31.94 -11.73
N PHE B 164 -6.08 -30.79 -11.37
CA PHE B 164 -4.62 -30.67 -11.23
C PHE B 164 -4.07 -31.72 -10.27
N LEU B 165 -4.73 -31.88 -9.13
CA LEU B 165 -4.32 -32.84 -8.09
C LEU B 165 -4.27 -34.27 -8.60
N LYS B 166 -5.27 -34.65 -9.38
CA LYS B 166 -5.36 -35.96 -10.04
C LYS B 166 -4.27 -36.17 -11.13
N GLU B 167 -4.15 -35.20 -12.04
CA GLU B 167 -3.28 -35.32 -13.22
C GLU B 167 -1.75 -35.36 -12.96
N ARG B 168 -1.30 -34.92 -11.78
CA ARG B 168 0.14 -34.92 -11.46
C ARG B 168 0.67 -36.33 -11.24
N PRO B 169 1.95 -36.58 -11.55
CA PRO B 169 2.54 -37.92 -11.41
C PRO B 169 3.16 -38.20 -10.03
N TRP B 170 2.54 -37.68 -8.97
CA TRP B 170 3.10 -37.82 -7.62
C TRP B 170 2.34 -38.88 -6.83
N ASP B 171 2.98 -39.35 -5.75
CA ASP B 171 2.44 -40.43 -4.91
C ASP B 171 1.45 -39.91 -3.86
N ALA B 172 0.87 -40.85 -3.09
CA ALA B 172 -0.09 -40.56 -2.02
C ALA B 172 0.40 -39.48 -1.06
N GLU B 173 1.64 -39.61 -0.62
CA GLU B 173 2.22 -38.69 0.36
C GLU B 173 2.39 -37.29 -0.21
N MET B 174 2.88 -37.17 -1.43
CA MET B 174 3.13 -35.86 -2.03
C MET B 174 1.83 -35.21 -2.53
N GLN B 175 0.80 -36.00 -2.82
CA GLN B 175 -0.53 -35.46 -3.10
C GLN B 175 -1.08 -34.77 -1.85
N VAL B 176 -0.96 -35.46 -0.72
CA VAL B 176 -1.51 -34.99 0.55
C VAL B 176 -0.78 -33.73 1.05
N ALA B 177 0.55 -33.71 0.88
CA ALA B 177 1.36 -32.54 1.28
C ALA B 177 0.88 -31.29 0.58
N TRP B 178 0.72 -31.36 -0.74
CA TRP B 178 0.30 -30.23 -1.57
C TRP B 178 -1.15 -29.76 -1.28
N ALA B 179 -2.06 -30.71 -1.07
CA ALA B 179 -3.43 -30.40 -0.65
C ALA B 179 -3.47 -29.79 0.75
N LEU B 180 -2.77 -30.42 1.70
CA LEU B 180 -2.63 -29.84 3.04
C LEU B 180 -2.03 -28.45 3.05
N ALA B 181 -1.12 -28.19 2.14
CA ALA B 181 -0.50 -26.87 2.06
C ALA B 181 -1.55 -25.79 1.70
N HIS B 182 -2.58 -26.20 0.94
CA HIS B 182 -3.75 -25.33 0.65
C HIS B 182 -4.74 -25.27 1.81
N TYR B 183 -4.96 -26.41 2.50
CA TYR B 183 -5.78 -26.43 3.72
C TYR B 183 -5.35 -25.34 4.72
N TYR B 184 -4.03 -25.16 4.87
CA TYR B 184 -3.43 -24.23 5.82
C TYR B 184 -2.89 -22.90 5.18
N ALA B 185 -3.21 -22.69 3.91
CA ALA B 185 -2.70 -21.54 3.20
C ALA B 185 -3.46 -20.33 3.71
N PRO B 186 -2.83 -19.15 3.69
CA PRO B 186 -3.59 -17.94 4.01
C PRO B 186 -4.67 -17.63 2.97
N ARG B 187 -5.69 -16.93 3.40
CA ARG B 187 -6.71 -16.40 2.50
C ARG B 187 -6.11 -15.18 1.78
N LEU B 188 -6.75 -14.78 0.69
CA LEU B 188 -6.37 -13.59 -0.04
C LEU B 188 -6.25 -12.39 0.90
N GLN B 189 -7.26 -12.20 1.77
CA GLN B 189 -7.24 -11.05 2.69
C GLN B 189 -6.10 -11.14 3.71
N ASP B 190 -5.72 -12.35 4.07
CA ASP B 190 -4.57 -12.58 4.95
C ASP B 190 -3.27 -12.07 4.27
N TYR B 191 -3.11 -12.37 2.97
CA TYR B 191 -1.99 -11.84 2.20
C TYR B 191 -1.98 -10.32 2.19
N ARG B 192 -3.14 -9.72 1.91
CA ARG B 192 -3.27 -8.25 1.82
C ARG B 192 -2.95 -7.59 3.17
N ASP B 193 -3.42 -8.19 4.26
CA ASP B 193 -3.15 -7.73 5.62
C ASP B 193 -1.66 -7.79 5.94
N ALA B 194 -1.03 -8.90 5.59
CA ALA B 194 0.36 -9.15 5.91
C ALA B 194 1.28 -8.20 5.19
N LEU B 195 1.01 -7.99 3.91
CA LEU B 195 1.83 -7.07 3.13
C LEU B 195 1.63 -5.62 3.63
N ALA B 196 0.38 -5.24 3.91
CA ALA B 196 0.07 -3.91 4.49
C ALA B 196 0.83 -3.67 5.80
N GLN B 197 0.87 -4.71 6.66
N GLN B 197 0.88 -4.70 6.64
CA GLN B 197 1.56 -4.65 7.95
CA GLN B 197 1.57 -4.62 7.92
C GLN B 197 3.07 -4.40 7.74
C GLN B 197 3.08 -4.39 7.73
N ALA B 198 3.67 -5.11 6.79
CA ALA B 198 5.10 -4.98 6.45
C ALA B 198 5.43 -3.61 5.87
N ALA B 199 4.53 -3.08 5.04
CA ALA B 199 4.68 -1.73 4.45
C ALA B 199 4.49 -0.58 5.49
N ASP B 200 3.73 -0.79 6.55
CA ASP B 200 3.71 0.19 7.67
C ASP B 200 5.11 0.41 8.29
N GLU B 201 5.93 -0.66 8.30
CA GLU B 201 7.29 -0.60 8.81
C GLU B 201 8.30 -0.17 7.75
N THR B 202 8.13 -0.63 6.52
CA THR B 202 9.05 -0.26 5.45
C THR B 202 8.28 0.24 4.25
N PRO B 203 8.23 1.58 4.07
CA PRO B 203 7.31 2.12 3.07
C PRO B 203 7.58 1.70 1.64
N VAL B 204 6.49 1.51 0.90
CA VAL B 204 6.49 1.09 -0.47
C VAL B 204 5.86 2.18 -1.30
N SER B 205 6.34 2.34 -2.53
CA SER B 205 5.80 3.32 -3.47
C SER B 205 4.69 2.73 -4.35
N GLU B 206 4.61 1.40 -4.37
CA GLU B 206 3.69 0.60 -5.14
C GLU B 206 3.41 -0.69 -4.35
N GLN B 207 2.17 -1.14 -4.32
CA GLN B 207 1.90 -2.53 -3.97
C GLN B 207 0.69 -3.08 -4.71
N ARG B 208 0.72 -4.39 -4.87
CA ARG B 208 -0.34 -5.07 -5.57
C ARG B 208 -0.39 -6.54 -5.22
N ILE B 209 -1.61 -7.00 -5.00
CA ILE B 209 -1.93 -8.39 -4.77
C ILE B 209 -3.12 -8.77 -5.67
N TRP B 210 -3.02 -9.95 -6.27
CA TRP B 210 -4.06 -10.54 -7.11
C TRP B 210 -3.92 -12.05 -7.19
N VAL B 211 -4.96 -12.68 -7.73
CA VAL B 211 -4.99 -14.13 -7.88
C VAL B 211 -5.30 -14.37 -9.33
N ASP B 212 -4.50 -15.21 -9.98
CA ASP B 212 -4.81 -15.74 -11.31
C ASP B 212 -4.01 -17.02 -11.53
N ASP B 213 -4.10 -17.57 -12.74
CA ASP B 213 -3.25 -18.65 -13.16
C ASP B 213 -2.77 -18.38 -14.60
N GLN B 214 -1.49 -17.97 -14.72
CA GLN B 214 -0.81 -17.78 -16.00
C GLN B 214 0.20 -18.90 -16.35
N GLY B 215 -0.04 -20.12 -15.86
CA GLY B 215 0.77 -21.27 -16.30
C GLY B 215 1.07 -22.37 -15.31
N TYR B 216 1.19 -22.07 -14.01
CA TYR B 216 1.42 -23.14 -13.03
C TYR B 216 0.37 -24.25 -13.10
N GLY B 217 -0.90 -23.89 -13.23
CA GLY B 217 -1.98 -24.90 -13.39
C GLY B 217 -3.12 -24.85 -12.38
N VAL B 218 -2.97 -24.00 -11.36
CA VAL B 218 -4.06 -23.61 -10.45
C VAL B 218 -3.87 -22.14 -10.14
N ALA B 219 -4.90 -21.51 -9.60
CA ALA B 219 -4.77 -20.13 -9.15
C ALA B 219 -3.78 -20.07 -7.98
N THR B 220 -2.91 -19.07 -8.02
CA THR B 220 -2.02 -18.74 -6.90
C THR B 220 -2.11 -17.24 -6.62
N VAL B 221 -1.70 -16.86 -5.40
CA VAL B 221 -1.68 -15.47 -5.02
C VAL B 221 -0.36 -14.79 -5.40
N LYS B 222 -0.47 -13.68 -6.13
CA LYS B 222 0.65 -12.81 -6.47
C LYS B 222 0.68 -11.61 -5.53
N CYS B 223 1.83 -11.37 -4.90
CA CYS B 223 2.06 -10.18 -4.09
C CYS B 223 3.30 -9.45 -4.59
N PHE B 224 3.11 -8.23 -5.09
CA PHE B 224 4.19 -7.37 -5.59
C PHE B 224 4.27 -6.06 -4.81
N ALA B 225 5.51 -5.64 -4.51
CA ALA B 225 5.71 -4.30 -4.00
C ALA B 225 7.04 -3.75 -4.44
N ARG B 226 7.12 -2.43 -4.46
CA ARG B 226 8.35 -1.72 -4.70
C ARG B 226 8.62 -0.83 -3.49
N ARG B 227 9.81 -1.03 -2.89
CA ARG B 227 10.22 -0.25 -1.75
C ARG B 227 10.40 1.21 -2.14
N ALA B 228 9.88 2.10 -1.30
CA ALA B 228 9.94 3.54 -1.53
C ALA B 228 11.40 3.99 -1.51
N ALA B 229 11.69 5.00 -2.33
CA ALA B 229 13.06 5.49 -2.61
C ALA B 229 13.31 6.77 -1.84
N SAH C . -10.23 19.94 7.17
CA SAH C . -10.41 20.84 8.34
CB SAH C . -9.70 20.29 9.58
CG SAH C . -8.21 20.03 9.42
SD SAH C . -7.44 19.53 10.95
C SAH C . -9.97 22.23 7.97
O SAH C . -10.16 23.17 8.79
OXT SAH C . -9.38 22.45 6.88
C5' SAH C . -7.16 17.83 10.61
C4' SAH C . -8.42 16.99 10.77
O4' SAH C . -8.17 15.66 10.30
C3' SAH C . -8.86 16.80 12.22
O3' SAH C . -10.24 17.17 12.45
C2' SAH C . -8.67 15.32 12.47
O2' SAH C . -9.55 14.78 13.44
C1' SAH C . -8.93 14.76 11.10
N9 SAH C . -8.44 13.42 10.82
C8 SAH C . -7.16 13.01 11.03
N7 SAH C . -7.02 11.75 10.59
C5 SAH C . -8.26 11.37 10.08
C6 SAH C . -8.72 10.17 9.50
N6 SAH C . -7.85 9.14 9.40
N1 SAH C . -10.00 10.08 9.05
C2 SAH C . -10.81 11.14 9.21
N3 SAH C . -10.43 12.31 9.78
C4 SAH C . -9.14 12.42 10.20
N SAH D . 10.81 -22.03 -3.84
CA SAH D . 11.05 -23.44 -4.25
CB SAH D . 10.63 -24.42 -3.16
CG SAH D . 9.17 -24.31 -2.67
SD SAH D . 8.77 -25.64 -1.57
C SAH D . 10.34 -23.73 -5.54
O SAH D . 9.47 -22.97 -5.98
OXT SAH D . 10.60 -24.78 -6.16
C5' SAH D . 8.68 -24.80 -0.01
C4' SAH D . 10.05 -24.43 0.55
O4' SAH D . 9.87 -23.50 1.62
C3' SAH D . 10.79 -25.63 1.15
O3' SAH D . 12.10 -25.77 0.61
C2' SAH D . 10.78 -25.33 2.65
O2' SAH D . 11.87 -25.88 3.37
C1' SAH D . 10.86 -23.83 2.62
N9 SAH D . 10.53 -23.11 3.86
C8 SAH D . 9.42 -23.31 4.62
N7 SAH D . 9.39 -22.42 5.63
C5 SAH D . 10.53 -21.66 5.48
C6 SAH D . 11.03 -20.59 6.23
N6 SAH D . 10.34 -20.19 7.32
N1 SAH D . 12.18 -19.99 5.83
C2 SAH D . 12.82 -20.44 4.74
N3 SAH D . 12.40 -21.47 3.99
C4 SAH D . 11.23 -22.07 4.37
#